data_2HO6
#
_entry.id   2HO6
#
_cell.length_a   181.625
_cell.length_b   40.456
_cell.length_c   71.958
_cell.angle_alpha   90.00
_cell.angle_beta   90.00
_cell.angle_gamma   90.00
#
_symmetry.space_group_name_H-M   'P 21 21 2'
#
loop_
_entity.id
_entity.type
_entity.pdbx_description
1 polymer 'glmS ribozyme substrate RNA'
2 polymer 'glmS ribozyme RNA'
3 non-polymer '2-(N-MORPHOLINO)-ETHANESULFONIC ACID'
4 non-polymer 'MAGNESIUM ION'
5 water water
#
loop_
_entity_poly.entity_id
_entity_poly.type
_entity_poly.pdbx_seq_one_letter_code
_entity_poly.pdbx_strand_id
1 'polyribonucleotide' AGCGCCUGGACUUAAAGCCAUUGCACU A
2 'polyribonucleotide'
;CCGGCUUUAAGUUGACGAGGGCAGGGUUUAUCGAGACAUCGGCGGGUGCCCUGCGGUCUUCCUGCGACCGUUAGAGGACU
GGUAAAACCACAGGCGACUGUGGCAUAGAGCAGUCCGGGCAGGA(A23)
;
B
#